data_1VHN
#
_entry.id   1VHN
#
_cell.length_a   80.279
_cell.length_b   96.442
_cell.length_c   93.139
_cell.angle_alpha   90.00
_cell.angle_beta   90.00
_cell.angle_gamma   90.00
#
_symmetry.space_group_name_H-M   'C 2 2 21'
#
loop_
_entity.id
_entity.type
_entity.pdbx_description
1 polymer 'putative flavin oxidoreductase'
2 non-polymer 'SULFATE ION'
3 non-polymer 'FLAVIN MONONUCLEOTIDE'
4 water water
#
_entity_poly.entity_id   1
_entity_poly.type   'polypeptide(L)'
_entity_poly.pdbx_seq_one_letter_code
;(MSE)SLEVKVGLAP(MSE)AGYTDSAFRTLAFEWGADFAFSE(MSE)VSAKGFL(MSE)NSQKTEELLPQPHERNVAVQ
IFGSEPNELSEAARILSEKYKWIDLNAGCPVRKVVKEGAGGALLKDLRHFRYIVRELRKSVSGKFSVKTRLGWEKNEVEE
IYRILVEEGVDEVFIHTRTVVQSFTGRAEWKALSVLEKRIPTFVSGDIFTPEDAKRALEESGCDGLLVARGAIGRPWIFK
QIKDFLRSGKYSEPSREEILRTFERHLELLIKTKGERKAVVE(MSE)RKFLAGYTKDLKGARRFREKV(MSE)KIEEVQI
LKE(MSE)FYNFIKEVEGGSHHHHHH
;
_entity_poly.pdbx_strand_id   A
#
# COMPACT_ATOMS: atom_id res chain seq x y z
N VAL A 5 -0.16 11.76 -14.32
CA VAL A 5 -0.55 11.33 -12.97
C VAL A 5 -0.33 9.84 -12.79
N LYS A 6 0.37 9.40 -11.74
CA LYS A 6 0.57 7.96 -11.53
C LYS A 6 -0.27 7.52 -10.34
N VAL A 7 -0.83 6.31 -10.42
CA VAL A 7 -1.70 5.77 -9.35
C VAL A 7 -1.15 4.43 -8.91
N GLY A 8 -0.75 4.31 -7.63
CA GLY A 8 -0.17 3.04 -7.21
C GLY A 8 -0.96 2.40 -6.06
N LEU A 9 -0.71 1.12 -5.88
CA LEU A 9 -1.31 0.36 -4.78
C LEU A 9 -0.40 0.55 -3.57
N ALA A 10 -0.97 1.06 -2.48
CA ALA A 10 -0.16 1.27 -1.26
C ALA A 10 0.20 -0.05 -0.64
N PRO A 11 1.25 -0.11 0.21
CA PRO A 11 1.57 -1.31 0.93
C PRO A 11 0.51 -1.53 2.02
N ALA A 13 0.09 -4.39 5.00
CA ALA A 13 0.44 -5.68 5.63
C ALA A 13 -0.79 -6.57 5.74
N GLY A 14 -0.68 -7.81 5.28
CA GLY A 14 -1.74 -8.79 5.32
C GLY A 14 -2.61 -8.81 4.08
N TYR A 15 -2.47 -7.78 3.22
CA TYR A 15 -3.29 -7.72 2.02
C TYR A 15 -2.52 -7.67 0.73
N THR A 16 -1.56 -6.75 0.62
CA THR A 16 -0.82 -6.57 -0.61
C THR A 16 0.35 -7.53 -0.82
N ASP A 17 -0.02 -8.78 -0.95
CA ASP A 17 0.95 -9.84 -1.24
C ASP A 17 1.12 -9.91 -2.76
N SER A 18 1.91 -10.85 -3.28
CA SER A 18 2.12 -10.87 -4.72
C SER A 18 0.87 -11.09 -5.53
N ALA A 19 -0.08 -11.88 -5.02
CA ALA A 19 -1.32 -12.12 -5.76
C ALA A 19 -2.13 -10.83 -5.90
N PHE A 20 -2.30 -10.07 -4.82
CA PHE A 20 -3.10 -8.83 -4.94
C PHE A 20 -2.37 -7.76 -5.72
N ARG A 21 -1.04 -7.64 -5.52
CA ARG A 21 -0.29 -6.68 -6.33
C ARG A 21 -0.47 -7.01 -7.83
N THR A 22 -0.34 -8.27 -8.20
CA THR A 22 -0.49 -8.68 -9.60
C THR A 22 -1.86 -8.30 -10.11
N LEU A 23 -2.86 -8.64 -9.29
CA LEU A 23 -4.25 -8.30 -9.70
C LEU A 23 -4.40 -6.81 -9.92
N ALA A 24 -3.84 -5.96 -9.04
CA ALA A 24 -3.90 -4.52 -9.23
C ALA A 24 -3.25 -4.07 -10.53
N PHE A 25 -2.10 -4.64 -10.88
CA PHE A 25 -1.44 -4.30 -12.15
C PHE A 25 -2.32 -4.74 -13.33
N GLU A 26 -3.10 -5.79 -13.15
CA GLU A 26 -4.01 -6.27 -14.19
C GLU A 26 -5.22 -5.37 -14.36
N TRP A 27 -5.36 -4.37 -13.51
CA TRP A 27 -6.42 -3.40 -13.59
C TRP A 27 -5.87 -1.99 -13.77
N GLY A 28 -4.58 -1.85 -14.10
CA GLY A 28 -4.02 -0.55 -14.35
C GLY A 28 -3.20 0.13 -13.29
N ALA A 29 -2.94 -0.55 -12.16
CA ALA A 29 -2.08 0.16 -11.18
C ALA A 29 -0.73 0.41 -11.84
N ASP A 30 -0.07 1.50 -11.44
CA ASP A 30 1.22 1.85 -12.01
C ASP A 30 2.41 1.26 -11.27
N PHE A 31 2.23 1.01 -9.98
CA PHE A 31 3.30 0.46 -9.15
C PHE A 31 2.69 -0.01 -7.83
N ALA A 32 3.47 -0.73 -7.05
CA ALA A 32 2.94 -1.27 -5.79
C ALA A 32 4.11 -1.47 -4.82
N PHE A 33 3.77 -1.92 -3.63
CA PHE A 33 4.80 -2.11 -2.61
C PHE A 33 4.63 -3.45 -1.90
N SER A 34 5.75 -4.00 -1.42
CA SER A 34 5.65 -5.21 -0.63
C SER A 34 4.98 -4.86 0.72
N GLU A 35 4.51 -5.89 1.37
CA GLU A 35 4.00 -5.65 2.75
C GLU A 35 5.28 -5.24 3.54
N VAL A 37 8.46 -5.10 5.55
CA VAL A 37 9.49 -6.06 5.88
C VAL A 37 10.40 -5.61 7.02
N SER A 38 10.39 -6.40 8.10
CA SER A 38 11.23 -6.04 9.26
C SER A 38 12.69 -6.10 8.86
N ALA A 39 13.45 -5.03 9.06
CA ALA A 39 14.86 -5.05 8.72
C ALA A 39 15.57 -6.09 9.60
N LYS A 40 15.23 -6.10 10.88
CA LYS A 40 15.86 -7.06 11.81
C LYS A 40 15.49 -8.49 11.44
N GLY A 41 14.22 -8.75 11.13
CA GLY A 41 13.77 -10.08 10.76
C GLY A 41 14.47 -10.54 9.49
N PHE A 42 14.68 -9.61 8.55
CA PHE A 42 15.37 -9.92 7.31
C PHE A 42 16.82 -10.32 7.59
N LEU A 43 17.48 -9.56 8.46
CA LEU A 43 18.88 -9.88 8.79
C LEU A 43 18.97 -11.18 9.54
N ASN A 45 17.17 -13.71 8.82
CA ASN A 45 16.73 -14.73 7.88
C ASN A 45 15.46 -15.41 8.36
N SER A 46 14.52 -14.62 8.87
CA SER A 46 13.26 -15.18 9.36
C SER A 46 12.41 -15.65 8.18
N GLN A 47 11.69 -16.74 8.39
CA GLN A 47 10.82 -17.31 7.37
C GLN A 47 9.69 -16.35 7.01
N LYS A 48 9.12 -15.70 8.02
CA LYS A 48 8.05 -14.73 7.78
C LYS A 48 8.49 -13.61 6.87
N THR A 49 9.67 -13.03 7.10
CA THR A 49 10.11 -11.93 6.23
C THR A 49 10.47 -12.42 4.84
N GLU A 50 11.10 -13.60 4.75
CA GLU A 50 11.45 -14.12 3.43
C GLU A 50 10.21 -14.31 2.57
N GLU A 51 9.09 -14.70 3.15
CA GLU A 51 7.85 -14.89 2.40
C GLU A 51 7.23 -13.58 1.95
N LEU A 52 7.59 -12.44 2.57
CA LEU A 52 6.99 -11.17 2.16
C LEU A 52 7.74 -10.50 1.03
N LEU A 53 9.00 -10.88 0.78
CA LEU A 53 9.75 -10.21 -0.27
C LEU A 53 9.16 -10.45 -1.64
N PRO A 54 9.23 -9.45 -2.49
CA PRO A 54 8.74 -9.61 -3.87
C PRO A 54 9.79 -10.45 -4.61
N GLN A 55 9.43 -10.95 -5.78
CA GLN A 55 10.50 -11.67 -6.54
C GLN A 55 11.27 -10.55 -7.22
N PRO A 56 12.57 -10.70 -7.48
CA PRO A 56 13.35 -9.67 -8.15
C PRO A 56 12.85 -9.37 -9.55
N HIS A 57 12.18 -10.31 -10.23
CA HIS A 57 11.64 -10.05 -11.57
C HIS A 57 10.32 -9.31 -11.50
N GLU A 58 9.74 -9.19 -10.30
CA GLU A 58 8.46 -8.48 -10.16
C GLU A 58 8.71 -6.99 -10.34
N ARG A 59 8.32 -6.41 -11.47
CA ARG A 59 8.56 -5.04 -11.80
C ARG A 59 7.70 -4.02 -11.06
N ASN A 60 8.24 -2.80 -10.91
CA ASN A 60 7.50 -1.69 -10.32
C ASN A 60 6.97 -1.97 -8.92
N VAL A 61 7.68 -2.75 -8.14
CA VAL A 61 7.26 -3.06 -6.77
C VAL A 61 8.41 -2.75 -5.81
N ALA A 62 8.10 -1.87 -4.87
CA ALA A 62 9.15 -1.54 -3.90
C ALA A 62 9.24 -2.59 -2.81
N VAL A 63 10.45 -2.73 -2.23
CA VAL A 63 10.56 -3.55 -1.02
C VAL A 63 10.49 -2.52 0.13
N GLN A 64 9.40 -2.52 0.89
CA GLN A 64 9.32 -1.56 2.00
C GLN A 64 9.89 -2.22 3.27
N ILE A 65 10.83 -1.51 3.92
CA ILE A 65 11.39 -2.07 5.16
C ILE A 65 11.02 -1.19 6.34
N PHE A 66 11.03 -1.77 7.54
CA PHE A 66 10.74 -0.97 8.74
C PHE A 66 11.73 -1.37 9.85
N GLY A 67 11.91 -0.38 10.72
CA GLY A 67 12.85 -0.60 11.84
C GLY A 67 13.06 0.72 12.57
N SER A 68 13.73 0.59 13.72
CA SER A 68 13.99 1.76 14.56
C SER A 68 15.46 2.14 14.62
N GLU A 69 16.33 1.20 14.25
CA GLU A 69 17.76 1.52 14.32
C GLU A 69 18.43 1.60 12.98
N PRO A 70 19.22 2.66 12.78
CA PRO A 70 19.93 2.93 11.57
C PRO A 70 20.81 1.79 11.10
N ASN A 71 21.52 1.12 12.03
CA ASN A 71 22.38 0.04 11.59
C ASN A 71 21.60 -1.12 10.97
N GLU A 72 20.44 -1.49 11.49
CA GLU A 72 19.69 -2.61 10.92
C GLU A 72 19.02 -2.21 9.62
N LEU A 73 18.52 -0.98 9.58
CA LEU A 73 17.90 -0.52 8.32
C LEU A 73 18.89 -0.43 7.18
N SER A 74 20.07 0.15 7.46
CA SER A 74 21.10 0.34 6.45
C SER A 74 21.66 -0.99 5.95
N GLU A 75 21.89 -1.93 6.88
CA GLU A 75 22.42 -3.24 6.51
C GLU A 75 21.43 -4.02 5.67
N ALA A 76 20.16 -4.00 6.11
CA ALA A 76 19.12 -4.69 5.33
C ALA A 76 19.03 -4.06 3.94
N ALA A 77 19.07 -2.72 3.87
CA ALA A 77 19.03 -2.03 2.58
C ALA A 77 20.21 -2.36 1.68
N ARG A 78 21.41 -2.45 2.25
CA ARG A 78 22.59 -2.76 1.45
C ARG A 78 22.46 -4.15 0.83
N ILE A 79 22.01 -5.12 1.60
CA ILE A 79 21.85 -6.50 1.16
C ILE A 79 20.72 -6.60 0.14
N LEU A 80 19.59 -5.95 0.45
CA LEU A 80 18.45 -5.98 -0.48
C LEU A 80 18.80 -5.33 -1.80
N SER A 81 19.64 -4.31 -1.81
CA SER A 81 20.06 -3.60 -2.99
C SER A 81 20.78 -4.47 -4.01
N GLU A 82 21.33 -5.58 -3.57
CA GLU A 82 22.00 -6.51 -4.47
C GLU A 82 21.01 -7.08 -5.47
N LYS A 83 19.74 -7.21 -5.08
CA LYS A 83 18.72 -7.78 -5.96
C LYS A 83 17.55 -6.87 -6.26
N TYR A 84 17.27 -5.90 -5.39
CA TYR A 84 16.10 -5.04 -5.60
C TYR A 84 16.47 -3.62 -5.94
N LYS A 85 15.85 -3.02 -6.96
CA LYS A 85 16.20 -1.68 -7.37
C LYS A 85 15.44 -0.54 -6.69
N TRP A 86 14.46 -0.86 -5.87
CA TRP A 86 13.67 0.20 -5.22
C TRP A 86 13.34 -0.26 -3.81
N ILE A 87 13.90 0.52 -2.85
CA ILE A 87 13.67 0.26 -1.43
C ILE A 87 12.92 1.47 -0.85
N ASP A 88 11.88 1.18 -0.09
CA ASP A 88 11.11 2.26 0.54
C ASP A 88 11.22 2.10 2.06
N LEU A 89 11.30 3.19 2.80
CA LEU A 89 11.32 3.15 4.24
C LEU A 89 9.94 3.49 4.82
N ASN A 90 9.40 2.59 5.64
CA ASN A 90 8.15 2.91 6.33
C ASN A 90 8.46 3.88 7.49
N ALA A 91 7.96 5.11 7.40
CA ALA A 91 8.13 6.10 8.48
C ALA A 91 6.76 6.71 8.78
N GLY A 92 5.73 5.84 8.69
CA GLY A 92 4.38 6.38 8.96
C GLY A 92 3.51 5.49 9.79
N CYS A 93 3.63 4.18 9.75
CA CYS A 93 2.75 3.29 10.50
C CYS A 93 2.49 3.69 11.94
N PRO A 94 1.23 3.73 12.36
CA PRO A 94 0.85 4.06 13.73
C PRO A 94 0.55 2.82 14.57
N VAL A 95 0.61 1.63 13.98
CA VAL A 95 0.34 0.39 14.72
C VAL A 95 1.12 0.34 16.02
N ARG A 96 0.40 0.10 17.11
CA ARG A 96 0.95 0.01 18.44
C ARG A 96 2.21 -0.81 18.55
N LYS A 97 2.24 -2.03 18.02
CA LYS A 97 3.41 -2.89 18.08
C LYS A 97 4.64 -2.25 17.42
N VAL A 98 4.42 -1.63 16.28
CA VAL A 98 5.49 -0.98 15.53
C VAL A 98 6.02 0.27 16.20
N VAL A 99 5.13 1.15 16.63
CA VAL A 99 5.48 2.40 17.29
C VAL A 99 6.17 2.14 18.63
N LYS A 100 5.73 1.14 19.38
CA LYS A 100 6.34 0.81 20.67
C LYS A 100 7.81 0.43 20.48
N GLU A 101 8.12 -0.19 19.36
CA GLU A 101 9.46 -0.58 18.98
C GLU A 101 10.28 0.60 18.48
N GLY A 102 9.63 1.74 18.24
CA GLY A 102 10.30 2.94 17.78
C GLY A 102 10.40 2.98 16.25
N ALA A 103 9.63 2.11 15.61
CA ALA A 103 9.65 2.05 14.15
C ALA A 103 8.41 2.74 13.57
N GLY A 104 8.27 2.64 12.26
CA GLY A 104 7.09 3.23 11.60
C GLY A 104 6.98 4.70 11.92
N GLY A 105 5.77 5.18 12.24
CA GLY A 105 5.54 6.58 12.55
C GLY A 105 6.30 7.10 13.74
N ALA A 106 6.83 6.22 14.60
CA ALA A 106 7.63 6.65 15.75
C ALA A 106 8.91 7.28 15.25
N LEU A 107 9.33 7.03 13.98
CA LEU A 107 10.54 7.68 13.48
C LEU A 107 10.37 9.18 13.36
N LEU A 108 9.14 9.70 13.40
CA LEU A 108 8.88 11.12 13.30
C LEU A 108 8.89 11.84 14.66
N LYS A 109 9.06 11.06 15.73
CA LYS A 109 9.09 11.68 17.08
C LYS A 109 10.30 12.57 17.25
N ASP A 110 11.45 12.22 16.64
CA ASP A 110 12.67 13.01 16.75
C ASP A 110 13.22 13.23 15.35
N LEU A 111 12.98 14.41 14.78
CA LEU A 111 13.41 14.66 13.39
C LEU A 111 14.90 14.76 13.22
N ARG A 112 15.63 14.91 14.32
CA ARG A 112 17.11 14.92 14.20
C ARG A 112 17.54 13.47 13.97
N HIS A 113 16.89 12.54 14.69
CA HIS A 113 17.16 11.12 14.54
C HIS A 113 16.64 10.61 13.20
N PHE A 114 15.51 11.20 12.76
CA PHE A 114 14.96 10.82 11.46
C PHE A 114 15.94 11.20 10.36
N ARG A 115 16.52 12.39 10.41
CA ARG A 115 17.51 12.80 9.41
C ARG A 115 18.70 11.81 9.42
N TYR A 116 19.16 11.44 10.61
CA TYR A 116 20.26 10.47 10.72
C TYR A 116 19.90 9.18 9.98
N ILE A 117 18.71 8.63 10.27
CA ILE A 117 18.29 7.40 9.61
C ILE A 117 18.20 7.58 8.12
N VAL A 118 17.61 8.66 7.65
CA VAL A 118 17.47 8.87 6.19
C VAL A 118 18.82 9.04 5.50
N ARG A 119 19.72 9.79 6.14
CA ARG A 119 21.06 9.97 5.56
C ARG A 119 21.77 8.63 5.46
N GLU A 120 21.74 7.82 6.52
CA GLU A 120 22.43 6.53 6.50
C GLU A 120 21.80 5.56 5.52
N LEU A 121 20.47 5.56 5.41
CA LEU A 121 19.83 4.69 4.43
C LEU A 121 20.16 5.12 3.02
N ARG A 122 20.27 6.41 2.74
CA ARG A 122 20.56 6.90 1.39
C ARG A 122 21.88 6.29 0.92
N LYS A 123 22.85 6.25 1.84
CA LYS A 123 24.14 5.66 1.48
C LYS A 123 24.04 4.19 1.16
N SER A 124 23.12 3.45 1.79
CA SER A 124 22.97 2.03 1.60
C SER A 124 22.03 1.59 0.50
N VAL A 125 21.17 2.48 0.02
CA VAL A 125 20.26 2.09 -1.08
C VAL A 125 20.96 2.47 -2.37
N SER A 126 21.35 1.41 -3.14
CA SER A 126 22.03 1.72 -4.39
C SER A 126 21.11 2.22 -5.49
N GLY A 127 19.84 1.78 -5.47
CA GLY A 127 18.89 2.18 -6.50
C GLY A 127 18.01 3.34 -6.04
N LYS A 128 16.70 3.14 -6.26
CA LYS A 128 15.72 4.15 -5.92
C LYS A 128 15.35 4.02 -4.42
N PHE A 129 15.46 5.16 -3.73
CA PHE A 129 15.11 5.17 -2.30
C PHE A 129 13.91 6.11 -2.11
N SER A 130 12.81 5.53 -1.59
CA SER A 130 11.65 6.35 -1.29
C SER A 130 11.35 6.21 0.19
N VAL A 131 10.50 7.12 0.66
CA VAL A 131 10.04 7.08 2.06
C VAL A 131 8.50 7.27 2.05
N LYS A 132 7.83 6.43 2.83
CA LYS A 132 6.37 6.59 2.95
C LYS A 132 6.20 7.05 4.41
N THR A 133 5.52 8.18 4.55
CA THR A 133 5.40 8.76 5.89
C THR A 133 4.10 9.48 6.09
N ARG A 134 4.04 10.24 7.17
CA ARG A 134 2.83 10.99 7.54
C ARG A 134 3.20 12.45 7.74
N LEU A 135 2.22 13.27 8.16
CA LEU A 135 2.46 14.67 8.33
C LEU A 135 3.34 15.05 9.53
N GLY A 136 3.44 14.16 10.47
CA GLY A 136 4.22 14.41 11.69
C GLY A 136 3.74 13.43 12.75
N TRP A 137 4.50 13.43 13.87
CA TRP A 137 4.16 12.54 14.96
C TRP A 137 2.82 12.95 15.61
N GLU A 138 2.78 14.17 16.13
CA GLU A 138 1.52 14.59 16.79
C GLU A 138 1.02 15.90 16.25
N LYS A 139 1.76 16.58 15.41
CA LYS A 139 1.32 17.82 14.79
C LYS A 139 1.86 17.84 13.36
N ASN A 140 1.32 18.72 12.56
CA ASN A 140 1.77 18.81 11.18
C ASN A 140 3.15 19.46 11.13
N GLU A 141 4.13 18.64 10.78
CA GLU A 141 5.52 19.06 10.62
C GLU A 141 6.00 18.64 9.23
N VAL A 142 5.05 18.61 8.27
CA VAL A 142 5.39 18.11 6.93
C VAL A 142 6.41 18.94 6.19
N GLU A 143 6.45 20.27 6.36
CA GLU A 143 7.48 21.02 5.62
C GLU A 143 8.87 20.62 6.08
N GLU A 144 9.05 20.40 7.37
CA GLU A 144 10.36 20.00 7.88
C GLU A 144 10.70 18.59 7.45
N ILE A 145 9.70 17.70 7.54
CA ILE A 145 9.95 16.30 7.16
C ILE A 145 10.31 16.23 5.68
N TYR A 146 9.57 16.96 4.84
CA TYR A 146 9.83 16.96 3.41
C TYR A 146 11.20 17.54 3.09
N ARG A 147 11.55 18.59 3.83
CA ARG A 147 12.87 19.22 3.61
C ARG A 147 13.98 18.23 3.92
N ILE A 148 13.84 17.45 4.99
CA ILE A 148 14.85 16.45 5.34
C ILE A 148 15.02 15.46 4.19
N LEU A 149 13.88 14.91 3.73
CA LEU A 149 13.92 13.95 2.63
C LEU A 149 14.57 14.52 1.38
N VAL A 150 14.17 15.68 0.94
CA VAL A 150 14.76 16.29 -0.27
C VAL A 150 16.26 16.53 -0.07
N GLU A 151 16.61 17.11 1.08
CA GLU A 151 18.03 17.40 1.33
C GLU A 151 18.91 16.18 1.40
N GLU A 152 18.40 15.07 1.92
CA GLU A 152 19.16 13.85 2.08
C GLU A 152 19.17 12.95 0.83
N GLY A 153 18.59 13.45 -0.26
CA GLY A 153 18.64 12.70 -1.50
C GLY A 153 17.62 11.64 -1.74
N VAL A 154 16.50 11.69 -1.00
CA VAL A 154 15.43 10.70 -1.21
C VAL A 154 14.88 10.95 -2.62
N ASP A 155 14.55 9.87 -3.32
CA ASP A 155 14.08 10.01 -4.70
C ASP A 155 12.60 10.31 -4.86
N GLU A 156 11.75 9.74 -4.01
CA GLU A 156 10.31 9.90 -4.09
C GLU A 156 9.71 9.82 -2.68
N VAL A 157 8.59 10.47 -2.47
CA VAL A 157 7.94 10.46 -1.14
C VAL A 157 6.44 10.20 -1.25
N PHE A 158 5.94 9.36 -0.35
CA PHE A 158 4.52 9.00 -0.30
C PHE A 158 3.99 9.49 1.05
N ILE A 159 2.98 10.35 1.04
CA ILE A 159 2.54 10.89 2.34
C ILE A 159 1.06 10.65 2.59
N HIS A 160 0.81 9.91 3.68
CA HIS A 160 -0.58 9.72 4.14
C HIS A 160 -0.80 11.01 4.95
N THR A 161 -1.77 11.82 4.54
CA THR A 161 -1.98 13.11 5.15
C THR A 161 -2.74 13.14 6.47
N ARG A 162 -2.18 12.47 7.45
CA ARG A 162 -2.67 12.42 8.81
C ARG A 162 -1.41 12.43 9.71
N THR A 163 -1.55 12.85 10.95
CA THR A 163 -0.39 12.72 11.86
C THR A 163 -0.40 11.29 12.36
N VAL A 164 0.70 10.79 12.94
CA VAL A 164 0.75 9.43 13.45
C VAL A 164 -0.23 9.19 14.60
N VAL A 165 -0.36 10.20 15.47
CA VAL A 165 -1.25 10.02 16.64
C VAL A 165 -2.69 9.84 16.24
N GLN A 166 -3.08 10.43 15.09
CA GLN A 166 -4.47 10.27 14.66
C GLN A 166 -4.82 8.84 14.24
N SER A 167 -3.85 8.03 13.86
CA SER A 167 -4.12 6.69 13.35
C SER A 167 -5.12 6.81 12.19
N PHE A 168 -6.32 6.24 12.28
CA PHE A 168 -7.28 6.37 11.19
C PHE A 168 -8.47 7.26 11.57
N THR A 169 -8.33 8.02 12.64
CA THR A 169 -9.34 8.98 13.08
C THR A 169 -9.10 10.31 12.42
N GLY A 170 -10.03 11.26 12.50
CA GLY A 170 -9.89 12.56 11.83
C GLY A 170 -9.95 12.31 10.31
N ARG A 171 -9.56 13.31 9.53
CA ARG A 171 -9.62 13.09 8.09
C ARG A 171 -8.26 13.28 7.46
N ALA A 172 -8.12 12.68 6.26
CA ALA A 172 -6.89 12.92 5.51
C ALA A 172 -6.94 14.36 5.03
N GLU A 173 -5.98 15.16 5.49
CA GLU A 173 -5.95 16.57 5.14
C GLU A 173 -5.09 16.80 3.92
N TRP A 174 -5.61 16.49 2.75
CA TRP A 174 -4.91 16.57 1.48
C TRP A 174 -4.27 17.92 1.22
N LYS A 175 -4.95 19.01 1.63
CA LYS A 175 -4.41 20.34 1.37
C LYS A 175 -3.13 20.61 2.14
N ALA A 176 -2.76 19.82 3.13
CA ALA A 176 -1.52 20.02 3.86
C ALA A 176 -0.31 19.92 2.94
N LEU A 177 -0.39 19.19 1.83
CA LEU A 177 0.77 19.09 0.97
C LEU A 177 0.88 20.22 -0.04
N SER A 178 -0.11 21.09 -0.09
CA SER A 178 -0.08 22.15 -1.08
C SER A 178 1.03 23.17 -0.83
N VAL A 179 1.45 23.31 0.41
CA VAL A 179 2.54 24.22 0.76
C VAL A 179 3.89 23.72 0.25
N LEU A 180 4.02 22.42 -0.05
CA LEU A 180 5.27 21.90 -0.49
C LEU A 180 5.62 22.21 -1.94
N GLU A 181 6.87 22.67 -2.13
CA GLU A 181 7.35 22.86 -3.50
C GLU A 181 7.86 21.45 -3.86
N LYS A 182 7.16 20.76 -4.74
CA LYS A 182 7.47 19.38 -5.06
C LYS A 182 8.72 19.21 -5.90
N ARG A 183 9.89 19.24 -5.26
CA ARG A 183 11.15 19.07 -5.96
C ARG A 183 11.42 17.64 -6.37
N ILE A 184 10.75 16.66 -5.77
CA ILE A 184 10.89 15.25 -6.14
C ILE A 184 9.46 14.71 -6.30
N PRO A 185 9.27 13.60 -6.96
CA PRO A 185 7.92 13.03 -7.15
C PRO A 185 7.30 12.84 -5.77
N THR A 186 6.11 13.38 -5.56
CA THR A 186 5.45 13.37 -4.24
C THR A 186 4.02 12.88 -4.42
N PHE A 187 3.67 11.87 -3.64
CA PHE A 187 2.36 11.23 -3.78
C PHE A 187 1.48 11.39 -2.54
N VAL A 188 0.20 11.58 -2.74
CA VAL A 188 -0.75 11.75 -1.64
C VAL A 188 -1.48 10.43 -1.36
N SER A 189 -1.81 10.24 -0.08
CA SER A 189 -2.54 9.04 0.38
C SER A 189 -3.46 9.43 1.53
N GLY A 190 -4.56 8.66 1.65
CA GLY A 190 -5.49 8.90 2.78
C GLY A 190 -6.92 9.12 2.28
N ASP A 191 -7.85 8.32 2.78
CA ASP A 191 -9.25 8.41 2.48
C ASP A 191 -9.57 8.39 1.00
N ILE A 192 -8.84 7.62 0.21
CA ILE A 192 -9.13 7.57 -1.25
C ILE A 192 -9.93 6.33 -1.56
N PHE A 193 -11.26 6.51 -1.60
CA PHE A 193 -12.16 5.40 -1.84
C PHE A 193 -12.83 5.41 -3.20
N THR A 194 -12.91 6.57 -3.84
CA THR A 194 -13.53 6.64 -5.18
C THR A 194 -12.67 7.51 -6.07
N PRO A 195 -12.96 7.52 -7.37
CA PRO A 195 -12.23 8.39 -8.30
C PRO A 195 -12.42 9.85 -7.92
N GLU A 196 -13.62 10.21 -7.43
CA GLU A 196 -13.86 11.59 -7.01
C GLU A 196 -12.91 11.98 -5.87
N ASP A 197 -12.67 11.06 -4.93
CA ASP A 197 -11.72 11.34 -3.86
C ASP A 197 -10.31 11.54 -4.44
N ALA A 198 -9.98 10.66 -5.42
CA ALA A 198 -8.67 10.73 -6.02
C ALA A 198 -8.41 12.08 -6.69
N LYS A 199 -9.41 12.56 -7.44
CA LYS A 199 -9.27 13.84 -8.12
C LYS A 199 -9.17 15.00 -7.15
N ARG A 200 -9.95 14.98 -6.09
CA ARG A 200 -9.91 16.07 -5.11
C ARG A 200 -8.59 16.05 -4.35
N ALA A 201 -8.10 14.85 -4.00
CA ALA A 201 -6.84 14.74 -3.27
C ALA A 201 -5.69 15.29 -4.11
N LEU A 202 -5.71 14.97 -5.40
CA LEU A 202 -4.67 15.50 -6.29
C LEU A 202 -4.75 17.03 -6.38
N GLU A 203 -5.96 17.54 -6.55
CA GLU A 203 -6.16 18.98 -6.68
C GLU A 203 -5.78 19.76 -5.44
N GLU A 204 -6.15 19.24 -4.28
CA GLU A 204 -5.83 19.95 -3.03
C GLU A 204 -4.37 19.81 -2.64
N SER A 205 -3.79 18.64 -2.93
CA SER A 205 -2.40 18.47 -2.49
C SER A 205 -1.39 19.01 -3.48
N GLY A 206 -1.73 19.08 -4.75
CA GLY A 206 -0.79 19.50 -5.80
C GLY A 206 0.24 18.44 -6.11
N CYS A 207 -0.05 17.16 -5.77
CA CYS A 207 0.85 16.05 -5.95
C CYS A 207 0.94 15.46 -7.34
N ASP A 208 1.99 14.67 -7.56
CA ASP A 208 2.27 14.04 -8.84
C ASP A 208 1.53 12.74 -9.03
N GLY A 209 0.83 12.28 -7.98
CA GLY A 209 0.18 10.97 -8.10
C GLY A 209 -0.41 10.65 -6.73
N LEU A 210 -0.99 9.46 -6.65
CA LEU A 210 -1.60 9.10 -5.36
C LEU A 210 -1.51 7.58 -5.17
N LEU A 211 -1.79 7.18 -3.91
CA LEU A 211 -1.87 5.76 -3.61
C LEU A 211 -3.30 5.40 -3.20
N VAL A 212 -3.71 4.18 -3.56
CA VAL A 212 -5.02 3.65 -3.13
C VAL A 212 -4.67 2.49 -2.17
N ALA A 213 -5.34 2.47 -1.05
CA ALA A 213 -5.15 1.48 -0.01
C ALA A 213 -6.45 0.78 0.33
N ARG A 214 -7.14 1.26 1.39
CA ARG A 214 -8.39 0.59 1.78
C ARG A 214 -9.38 0.57 0.64
N GLY A 215 -9.40 1.59 -0.19
CA GLY A 215 -10.29 1.71 -1.33
C GLY A 215 -10.10 0.64 -2.38
N ALA A 216 -8.98 -0.07 -2.38
CA ALA A 216 -8.77 -1.10 -3.39
C ALA A 216 -9.06 -2.50 -2.90
N ILE A 217 -9.32 -2.72 -1.61
CA ILE A 217 -9.53 -4.08 -1.10
C ILE A 217 -10.82 -4.67 -1.67
N GLY A 218 -10.65 -5.72 -2.50
CA GLY A 218 -11.81 -6.33 -3.16
C GLY A 218 -12.34 -5.49 -4.30
N ARG A 219 -11.64 -4.44 -4.73
CA ARG A 219 -12.06 -3.53 -5.78
C ARG A 219 -10.84 -3.07 -6.59
N PRO A 220 -10.14 -4.01 -7.25
CA PRO A 220 -8.94 -3.68 -7.99
C PRO A 220 -9.20 -2.82 -9.19
N TRP A 221 -10.45 -2.83 -9.69
CA TRP A 221 -10.84 -2.02 -10.83
C TRP A 221 -10.82 -0.53 -10.49
N ILE A 222 -10.65 -0.16 -9.21
CA ILE A 222 -10.55 1.26 -8.83
C ILE A 222 -9.41 1.93 -9.55
N PHE A 223 -8.31 1.20 -9.95
CA PHE A 223 -7.21 1.86 -10.64
C PHE A 223 -7.65 2.33 -12.03
N LYS A 224 -8.39 1.47 -12.72
CA LYS A 224 -8.91 1.83 -14.03
C LYS A 224 -9.96 2.93 -13.90
N GLN A 225 -10.80 2.81 -12.86
CA GLN A 225 -11.82 3.87 -12.71
C GLN A 225 -11.19 5.24 -12.50
N ILE A 226 -10.17 5.29 -11.62
CA ILE A 226 -9.51 6.55 -11.34
C ILE A 226 -8.90 7.14 -12.61
N LYS A 227 -8.22 6.30 -13.39
CA LYS A 227 -7.64 6.82 -14.64
C LYS A 227 -8.71 7.25 -15.63
N ASP A 228 -9.79 6.51 -15.73
CA ASP A 228 -10.90 6.85 -16.64
C ASP A 228 -11.49 8.20 -16.25
N PHE A 229 -11.73 8.36 -14.94
CA PHE A 229 -12.33 9.60 -14.43
C PHE A 229 -11.44 10.80 -14.64
N LEU A 230 -10.14 10.69 -14.36
CA LEU A 230 -9.21 11.80 -14.54
C LEU A 230 -9.10 12.19 -16.01
N ARG A 231 -9.21 11.22 -16.89
CA ARG A 231 -9.10 11.50 -18.33
C ARG A 231 -10.37 12.00 -18.96
N SER A 232 -11.51 11.43 -18.62
CA SER A 232 -12.77 11.77 -19.25
C SER A 232 -13.88 12.33 -18.42
N GLY A 233 -13.78 12.33 -17.10
CA GLY A 233 -14.83 12.82 -16.24
C GLY A 233 -15.91 11.79 -15.98
N LYS A 234 -15.74 10.56 -16.44
CA LYS A 234 -16.66 9.47 -16.26
C LYS A 234 -15.94 8.13 -16.02
N TYR A 235 -16.62 7.27 -15.29
CA TYR A 235 -16.16 5.92 -15.04
C TYR A 235 -17.37 5.00 -14.84
N SER A 236 -17.17 3.70 -14.98
CA SER A 236 -18.25 2.74 -14.79
C SER A 236 -17.93 1.69 -13.73
N GLU A 237 -18.96 1.03 -13.22
CA GLU A 237 -18.79 -0.02 -12.24
C GLU A 237 -18.69 -1.36 -12.97
N PRO A 238 -18.00 -2.33 -12.43
CA PRO A 238 -17.90 -3.64 -13.03
C PRO A 238 -19.24 -4.35 -13.04
N SER A 239 -19.41 -5.22 -14.04
CA SER A 239 -20.62 -6.04 -14.10
C SER A 239 -20.45 -7.15 -13.05
N ARG A 240 -21.53 -7.85 -12.74
CA ARG A 240 -21.48 -8.97 -11.81
C ARG A 240 -20.55 -10.04 -12.36
N GLU A 241 -20.61 -10.28 -13.67
CA GLU A 241 -19.74 -11.25 -14.30
C GLU A 241 -18.27 -10.82 -14.16
N GLU A 242 -17.99 -9.52 -14.28
CA GLU A 242 -16.61 -9.06 -14.10
C GLU A 242 -16.18 -9.21 -12.64
N ILE A 243 -17.06 -9.04 -11.67
CA ILE A 243 -16.67 -9.25 -10.26
C ILE A 243 -16.30 -10.71 -10.07
N LEU A 244 -17.16 -11.61 -10.61
CA LEU A 244 -16.88 -13.04 -10.48
C LEU A 244 -15.55 -13.42 -11.08
N ARG A 245 -15.24 -13.01 -12.30
CA ARG A 245 -13.99 -13.30 -12.96
C ARG A 245 -12.78 -12.75 -12.21
N THR A 246 -12.94 -11.57 -11.62
CA THR A 246 -11.84 -10.95 -10.83
C THR A 246 -11.59 -11.78 -9.59
N PHE A 247 -12.65 -12.19 -8.88
CA PHE A 247 -12.50 -13.03 -7.70
C PHE A 247 -11.77 -14.32 -8.11
N GLU A 248 -12.26 -14.93 -9.20
CA GLU A 248 -11.61 -16.18 -9.65
C GLU A 248 -10.15 -16.01 -9.97
N ARG A 249 -9.78 -14.94 -10.66
CA ARG A 249 -8.38 -14.67 -10.99
C ARG A 249 -7.55 -14.48 -9.73
N HIS A 250 -8.09 -13.67 -8.80
CA HIS A 250 -7.41 -13.42 -7.53
C HIS A 250 -7.19 -14.74 -6.78
N LEU A 251 -8.24 -15.57 -6.72
CA LEU A 251 -8.10 -16.86 -6.03
C LEU A 251 -7.06 -17.74 -6.70
N GLU A 252 -7.06 -17.75 -8.04
CA GLU A 252 -6.07 -18.55 -8.78
C GLU A 252 -4.66 -18.10 -8.44
N LEU A 253 -4.46 -16.77 -8.40
CA LEU A 253 -3.16 -16.24 -8.05
C LEU A 253 -2.77 -16.59 -6.61
N LEU A 254 -3.74 -16.56 -5.70
CA LEU A 254 -3.48 -16.94 -4.31
C LEU A 254 -3.08 -18.41 -4.22
N ILE A 255 -3.83 -19.28 -4.89
CA ILE A 255 -3.47 -20.71 -4.87
C ILE A 255 -2.07 -20.92 -5.40
N LYS A 256 -1.73 -20.30 -6.53
CA LYS A 256 -0.40 -20.45 -7.11
C LYS A 256 0.72 -19.97 -6.19
N THR A 257 0.51 -18.83 -5.55
CA THR A 257 1.56 -18.27 -4.72
C THR A 257 1.65 -18.78 -3.30
N LYS A 258 0.53 -19.14 -2.71
CA LYS A 258 0.50 -19.54 -1.31
C LYS A 258 -0.11 -20.89 -1.03
N GLY A 259 -0.57 -21.63 -2.02
CA GLY A 259 -1.16 -22.95 -1.74
C GLY A 259 -2.64 -22.84 -1.42
N GLU A 260 -3.37 -23.95 -1.50
CA GLU A 260 -4.81 -23.94 -1.28
C GLU A 260 -5.29 -23.49 0.06
N ARG A 261 -4.75 -24.04 1.14
CA ARG A 261 -5.20 -23.66 2.49
C ARG A 261 -5.06 -22.18 2.75
N LYS A 262 -3.87 -21.63 2.51
CA LYS A 262 -3.60 -20.23 2.75
C LYS A 262 -4.42 -19.35 1.80
N ALA A 263 -4.63 -19.81 0.58
CA ALA A 263 -5.43 -18.99 -0.37
C ALA A 263 -6.80 -18.71 0.21
N VAL A 264 -7.47 -19.74 0.75
CA VAL A 264 -8.80 -19.55 1.34
C VAL A 264 -8.70 -18.57 2.50
N VAL A 265 -7.74 -18.75 3.41
CA VAL A 265 -7.61 -17.84 4.55
C VAL A 265 -7.39 -16.39 4.12
N GLU A 266 -6.53 -16.17 3.14
CA GLU A 266 -6.26 -14.82 2.66
C GLU A 266 -7.46 -14.24 1.95
N ARG A 268 -10.54 -14.59 2.51
CA ARG A 268 -11.59 -14.19 3.46
C ARG A 268 -11.57 -12.69 3.71
N LYS A 269 -10.38 -12.08 3.75
CA LYS A 269 -10.19 -10.67 3.97
C LYS A 269 -10.75 -9.76 2.89
N PHE A 270 -10.95 -10.26 1.69
CA PHE A 270 -11.40 -9.49 0.56
C PHE A 270 -12.87 -9.68 0.18
N LEU A 271 -13.54 -10.65 0.81
CA LEU A 271 -14.92 -10.95 0.45
C LEU A 271 -15.88 -9.78 0.67
N ALA A 272 -15.69 -9.03 1.73
CA ALA A 272 -16.59 -7.88 1.98
C ALA A 272 -16.49 -6.89 0.83
N GLY A 273 -15.26 -6.63 0.37
CA GLY A 273 -15.03 -5.74 -0.75
C GLY A 273 -15.59 -6.23 -2.05
N TYR A 274 -15.40 -7.51 -2.41
CA TYR A 274 -15.90 -8.02 -3.66
C TYR A 274 -17.43 -8.05 -3.74
N THR A 275 -18.05 -8.29 -2.60
CA THR A 275 -19.51 -8.40 -2.55
C THR A 275 -20.19 -7.12 -2.11
N LYS A 276 -19.42 -6.05 -1.96
CA LYS A 276 -19.99 -4.77 -1.52
C LYS A 276 -21.23 -4.39 -2.31
N ASP A 277 -22.31 -4.08 -1.57
CA ASP A 277 -23.58 -3.67 -2.14
C ASP A 277 -24.27 -4.68 -3.02
N LEU A 278 -24.00 -5.96 -2.84
CA LEU A 278 -24.66 -7.01 -3.62
C LEU A 278 -25.76 -7.60 -2.71
N LYS A 279 -26.95 -7.78 -3.25
CA LYS A 279 -28.05 -8.31 -2.44
C LYS A 279 -27.71 -9.60 -1.72
N GLY A 280 -27.83 -9.59 -0.39
CA GLY A 280 -27.59 -10.76 0.44
C GLY A 280 -26.12 -11.08 0.69
N ALA A 281 -25.24 -10.12 0.48
CA ALA A 281 -23.82 -10.32 0.71
C ALA A 281 -23.53 -10.70 2.15
N ARG A 282 -24.22 -10.07 3.11
CA ARG A 282 -24.00 -10.36 4.52
C ARG A 282 -24.28 -11.83 4.83
N ARG A 283 -25.39 -12.35 4.33
CA ARG A 283 -25.75 -13.76 4.55
C ARG A 283 -24.69 -14.67 3.91
N PHE A 284 -24.33 -14.37 2.67
CA PHE A 284 -23.32 -15.15 1.96
C PHE A 284 -22.00 -15.18 2.72
N ARG A 285 -21.54 -14.02 3.17
CA ARG A 285 -20.27 -13.95 3.90
C ARG A 285 -20.34 -14.81 5.16
N GLU A 286 -21.47 -14.71 5.88
CA GLU A 286 -21.66 -15.51 7.08
C GLU A 286 -21.52 -17.00 6.76
N LYS A 287 -22.12 -17.45 5.66
CA LYS A 287 -22.07 -18.83 5.25
C LYS A 287 -20.70 -19.31 4.78
N VAL A 288 -19.89 -18.45 4.17
CA VAL A 288 -18.59 -18.89 3.68
C VAL A 288 -17.39 -18.63 4.56
N LYS A 290 -16.24 -19.86 7.29
CA LYS A 290 -15.52 -20.99 7.87
C LYS A 290 -15.19 -22.08 6.86
N ILE A 291 -15.60 -21.90 5.61
CA ILE A 291 -15.29 -22.91 4.58
C ILE A 291 -13.78 -23.01 4.42
N GLU A 292 -13.24 -24.22 4.48
CA GLU A 292 -11.80 -24.42 4.37
C GLU A 292 -11.34 -24.92 3.01
N GLU A 293 -12.18 -25.60 2.24
CA GLU A 293 -11.79 -26.13 0.95
C GLU A 293 -11.92 -25.08 -0.14
N VAL A 294 -10.81 -24.84 -0.83
CA VAL A 294 -10.75 -23.85 -1.91
C VAL A 294 -11.77 -24.10 -2.98
N GLN A 295 -12.05 -25.35 -3.35
CA GLN A 295 -13.05 -25.66 -4.36
C GLN A 295 -14.47 -25.30 -3.89
N ILE A 296 -14.77 -25.52 -2.62
CA ILE A 296 -16.09 -25.18 -2.08
C ILE A 296 -16.27 -23.67 -2.02
N LEU A 297 -15.20 -22.95 -1.65
CA LEU A 297 -15.27 -21.50 -1.61
C LEU A 297 -15.58 -20.97 -3.01
N LYS A 298 -14.85 -21.48 -4.00
CA LYS A 298 -15.06 -21.04 -5.38
C LYS A 298 -16.47 -21.31 -5.87
N GLU A 299 -17.01 -22.49 -5.56
CA GLU A 299 -18.36 -22.83 -6.00
C GLU A 299 -19.40 -21.97 -5.31
N PHE A 301 -19.02 -18.89 -4.17
CA PHE A 301 -18.94 -17.51 -4.69
C PHE A 301 -19.62 -17.46 -6.05
N TYR A 302 -19.37 -18.47 -6.87
CA TYR A 302 -19.98 -18.56 -8.20
C TYR A 302 -21.50 -18.63 -8.06
N ASN A 303 -21.98 -19.47 -7.14
CA ASN A 303 -23.42 -19.61 -6.91
C ASN A 303 -24.01 -18.29 -6.43
N PHE A 304 -23.31 -17.60 -5.54
CA PHE A 304 -23.79 -16.32 -5.02
C PHE A 304 -23.93 -15.29 -6.15
N ILE A 305 -22.95 -15.18 -7.03
CA ILE A 305 -23.01 -14.20 -8.12
C ILE A 305 -24.06 -14.55 -9.16
N LYS A 306 -23.97 -15.74 -9.77
CA LYS A 306 -24.92 -16.16 -10.80
C LYS A 306 -26.37 -16.00 -10.38
N GLU A 307 -26.67 -16.15 -9.10
CA GLU A 307 -28.00 -16.00 -8.54
C GLU A 307 -28.35 -14.52 -8.42
N VAL A 308 -27.36 -13.70 -8.03
CA VAL A 308 -27.58 -12.25 -7.95
C VAL A 308 -27.89 -11.80 -9.39
N GLU A 309 -27.24 -12.44 -10.34
CA GLU A 309 -27.35 -12.28 -11.76
C GLU A 309 -25.99 -12.40 -12.44
#